data_3OG4
#
_entry.id   3OG4
#
_cell.length_a   130.190
_cell.length_b   65.440
_cell.length_c   73.150
_cell.angle_alpha   90.00
_cell.angle_beta   90.00
_cell.angle_gamma   90.00
#
_symmetry.space_group_name_H-M   'P 21 21 2'
#
loop_
_entity.id
_entity.type
_entity.pdbx_description
1 polymer Interleukin-29
2 polymer 'Interleukin 28 receptor, alpha (Interferon, lambda receptor)'
3 branched beta-D-mannopyranose-(1-3)-2-acetamido-2-deoxy-beta-D-glucopyranose-(1-4)-2-acetamido-2-deoxy-beta-D-glucopyranose
4 non-polymer 2-acetamido-2-deoxy-beta-D-glucopyranose
5 water water
#
loop_
_entity_poly.entity_id
_entity_poly.type
_entity_poly.pdbx_seq_one_letter_code
_entity_poly.pdbx_strand_id
1 'polypeptide(L)'
;PTSKPTTTGKGCHIGRFKSLSPQELASFKKARDALEESLKLKNWSCSSPVFPGNWDLRLLQVRERPVALEAELALTLKVL
EAAAGPALEDVLDQPLHTLHHILSQLQACIQPQPTAGPRPRGRLHHWLHRLQEAPKKESAGCLEASVTFNLFRLLTRDLK
YVADGNLCLRTSTHPEST
;
A
2 'polypeptide(L)'
;PGRPRLAPPQNVTLLSQNFSVYLTWLPGLGNPQDVTYFVAYQSSPTRRRWREVEECAGTKELLCSMMCLKKQDLYNKFKG
RVRTVSPSSKSPWVESEYLDYLFEVEPAPPVLVLTQTEEILSANATYQLPPCMPPLDLKYEVAFWKEGAGNKTLFPVTPH
GQPVQITLQPAASEHHCLSARTIYTFSVPKYSKFSKPTCFLLEVPEANASGSSGGSSGTSHHHHHH
;
B
#
loop_
_chem_comp.id
_chem_comp.type
_chem_comp.name
_chem_comp.formula
BMA D-saccharide, beta linking beta-D-mannopyranose 'C6 H12 O6'
NAG D-saccharide, beta linking 2-acetamido-2-deoxy-beta-D-glucopyranose 'C8 H15 N O6'
#
# COMPACT_ATOMS: atom_id res chain seq x y z
N SER A 19 13.63 -9.72 0.66
CA SER A 19 12.52 -8.93 0.14
C SER A 19 12.05 -9.47 -1.21
N LEU A 20 10.75 -9.67 -1.36
CA LEU A 20 10.18 -10.34 -2.54
C LEU A 20 10.52 -9.64 -3.84
N SER A 21 10.73 -10.44 -4.88
CA SER A 21 11.09 -9.92 -6.19
C SER A 21 9.85 -9.51 -6.99
N PRO A 22 10.04 -8.71 -8.04
CA PRO A 22 8.94 -8.27 -8.91
C PRO A 22 8.21 -9.45 -9.52
N GLN A 23 8.96 -10.48 -9.91
CA GLN A 23 8.39 -11.65 -10.55
C GLN A 23 7.54 -12.43 -9.56
N GLU A 24 8.03 -12.52 -8.33
CA GLU A 24 7.32 -13.19 -7.27
C GLU A 24 6.01 -12.46 -6.97
N LEU A 25 6.10 -11.13 -6.84
CA LEU A 25 4.94 -10.32 -6.50
C LEU A 25 3.91 -10.33 -7.62
N ALA A 26 4.39 -10.29 -8.87
CA ALA A 26 3.50 -10.42 -10.01
C ALA A 26 2.75 -11.74 -9.93
N SER A 27 3.46 -12.78 -9.49
CA SER A 27 2.87 -14.10 -9.32
C SER A 27 1.79 -14.09 -8.25
N PHE A 28 2.08 -13.51 -7.09
CA PHE A 28 1.08 -13.44 -6.04
C PHE A 28 -0.13 -12.62 -6.47
N LYS A 29 0.09 -11.52 -7.16
CA LYS A 29 -1.00 -10.68 -7.64
C LYS A 29 -1.93 -11.42 -8.57
N LYS A 30 -1.35 -12.14 -9.51
CA LYS A 30 -2.13 -12.93 -10.47
C LYS A 30 -2.99 -13.97 -9.73
N ALA A 31 -2.45 -14.57 -8.69
CA ALA A 31 -3.20 -15.52 -7.87
C ALA A 31 -4.28 -14.83 -7.06
N ARG A 32 -3.90 -13.75 -6.38
CA ARG A 32 -4.83 -13.02 -5.53
C ARG A 32 -6.03 -12.60 -6.36
N ASP A 33 -5.77 -12.07 -7.55
CA ASP A 33 -6.87 -11.61 -8.42
C ASP A 33 -7.75 -12.76 -8.91
N ALA A 34 -7.15 -13.91 -9.18
CA ALA A 34 -7.91 -15.07 -9.63
C ALA A 34 -8.82 -15.52 -8.50
N LEU A 35 -8.28 -15.57 -7.30
CA LEU A 35 -9.06 -15.94 -6.11
C LEU A 35 -10.23 -14.98 -5.88
N GLU A 36 -9.94 -13.68 -5.86
CA GLU A 36 -11.00 -12.65 -5.76
C GLU A 36 -12.13 -12.91 -6.75
N GLU A 37 -11.78 -13.19 -8.00
CA GLU A 37 -12.80 -13.44 -9.02
C GLU A 37 -13.65 -14.66 -8.71
N SER A 38 -13.03 -15.72 -8.20
CA SER A 38 -13.77 -16.94 -7.90
C SER A 38 -14.69 -16.73 -6.71
N LEU A 39 -14.29 -15.84 -5.81
CA LEU A 39 -15.07 -15.55 -4.61
C LEU A 39 -16.34 -14.75 -4.91
N LYS A 40 -16.41 -14.15 -6.10
CA LYS A 40 -17.61 -13.42 -6.51
C LYS A 40 -18.74 -14.36 -6.91
N LEU A 41 -18.43 -15.65 -7.04
CA LEU A 41 -19.43 -16.65 -7.43
C LEU A 41 -19.89 -17.45 -6.23
N LYS A 42 -19.13 -17.37 -5.14
CA LYS A 42 -19.42 -18.10 -3.92
C LYS A 42 -20.15 -17.20 -2.93
N ASN A 43 -20.82 -17.82 -1.97
CA ASN A 43 -21.28 -17.13 -0.78
C ASN A 43 -20.25 -17.36 0.32
N TRP A 44 -19.53 -16.32 0.72
CA TRP A 44 -18.41 -16.49 1.63
C TRP A 44 -18.49 -15.69 2.93
N SER A 45 -19.71 -15.46 3.42
CA SER A 45 -19.88 -14.79 4.70
C SER A 45 -19.28 -15.59 5.85
N CYS A 46 -18.84 -14.88 6.88
CA CYS A 46 -18.28 -15.47 8.09
C CYS A 46 -19.16 -15.16 9.28
N SER A 47 -19.29 -16.11 10.20
CA SER A 47 -20.03 -15.84 11.43
C SER A 47 -19.17 -14.95 12.33
N SER A 48 -17.86 -15.14 12.21
CA SER A 48 -16.88 -14.32 12.90
C SER A 48 -15.63 -14.22 12.03
N PRO A 49 -15.07 -13.02 11.87
CA PRO A 49 -13.93 -12.89 10.96
C PRO A 49 -12.73 -13.73 11.39
N VAL A 50 -11.96 -14.22 10.43
CA VAL A 50 -10.87 -15.14 10.71
C VAL A 50 -9.73 -14.46 11.46
N PHE A 51 -9.22 -13.37 10.92
CA PHE A 51 -8.16 -12.62 11.58
C PHE A 51 -8.76 -11.59 12.54
N PRO A 52 -8.10 -11.35 13.68
CA PRO A 52 -8.56 -10.31 14.60
C PRO A 52 -8.56 -8.98 13.87
N GLY A 53 -9.46 -8.07 14.25
CA GLY A 53 -9.55 -6.77 13.62
C GLY A 53 -8.29 -5.93 13.78
N ASN A 54 -7.52 -6.17 14.83
CA ASN A 54 -6.29 -5.41 15.06
C ASN A 54 -5.03 -6.26 14.86
N TRP A 55 -5.16 -7.34 14.09
CA TRP A 55 -4.03 -8.19 13.77
C TRP A 55 -2.81 -7.39 13.31
N ASP A 56 -1.75 -7.45 14.11
CA ASP A 56 -0.55 -6.66 13.88
C ASP A 56 0.51 -7.15 14.85
N LEU A 57 1.63 -7.63 14.31
CA LEU A 57 2.68 -8.26 15.11
C LEU A 57 3.31 -7.31 16.11
N ARG A 58 3.14 -6.01 15.87
CA ARG A 58 3.70 -5.02 16.78
C ARG A 58 2.98 -5.05 18.12
N LEU A 59 1.80 -5.67 18.16
CA LEU A 59 1.07 -5.82 19.42
C LEU A 59 1.68 -6.94 20.26
N LEU A 60 2.65 -7.63 19.70
CA LEU A 60 3.25 -8.79 20.33
C LEU A 60 4.70 -8.51 20.74
N GLN A 61 5.19 -9.26 21.73
CA GLN A 61 6.60 -9.23 22.08
C GLN A 61 7.39 -9.65 20.87
N VAL A 62 8.62 -9.17 20.74
CA VAL A 62 9.45 -9.53 19.59
C VAL A 62 9.58 -11.04 19.44
N ARG A 63 9.81 -11.73 20.55
CA ARG A 63 9.99 -13.17 20.54
C ARG A 63 8.74 -13.93 20.09
N GLU A 64 7.57 -13.30 20.22
CA GLU A 64 6.31 -13.96 19.89
C GLU A 64 5.96 -13.80 18.42
N ARG A 65 6.50 -12.75 17.81
CA ARG A 65 6.14 -12.42 16.44
C ARG A 65 6.33 -13.56 15.42
N PRO A 66 7.53 -14.19 15.40
CA PRO A 66 7.77 -15.28 14.44
C PRO A 66 6.75 -16.41 14.59
N VAL A 67 6.30 -16.65 15.82
CA VAL A 67 5.28 -17.69 16.04
C VAL A 67 3.95 -17.28 15.42
N ALA A 68 3.58 -16.01 15.57
CA ALA A 68 2.35 -15.52 14.98
C ALA A 68 2.44 -15.60 13.46
N LEU A 69 3.57 -15.17 12.92
CA LEU A 69 3.80 -15.18 11.48
C LEU A 69 3.74 -16.60 10.94
N GLU A 70 4.30 -17.54 11.70
CA GLU A 70 4.29 -18.94 11.29
C GLU A 70 2.85 -19.44 11.17
N ALA A 71 2.03 -19.07 12.15
CA ALA A 71 0.64 -19.51 12.22
C ALA A 71 -0.19 -19.00 11.04
N GLU A 72 -0.03 -17.73 10.68
CA GLU A 72 -0.78 -17.22 9.53
C GLU A 72 -0.27 -17.80 8.21
N LEU A 73 1.05 -18.03 8.12
CA LEU A 73 1.62 -18.72 6.97
C LEU A 73 1.06 -20.14 6.80
N ALA A 74 1.06 -20.91 7.89
CA ALA A 74 0.52 -22.26 7.86
C ALA A 74 -0.97 -22.25 7.49
N LEU A 75 -1.70 -21.27 8.00
CA LEU A 75 -3.13 -21.20 7.70
C LEU A 75 -3.33 -20.88 6.23
N THR A 76 -2.55 -19.94 5.74
CA THR A 76 -2.60 -19.56 4.34
C THR A 76 -2.33 -20.75 3.43
N LEU A 77 -1.31 -21.53 3.75
CA LEU A 77 -0.93 -22.68 2.93
C LEU A 77 -2.03 -23.73 2.95
N LYS A 78 -2.49 -24.05 4.17
CA LYS A 78 -3.56 -25.01 4.37
C LYS A 78 -4.75 -24.64 3.49
N VAL A 79 -5.14 -23.38 3.55
CA VAL A 79 -6.33 -22.92 2.84
C VAL A 79 -6.11 -22.92 1.33
N LEU A 80 -5.02 -22.31 0.88
CA LEU A 80 -4.78 -22.18 -0.55
C LEU A 80 -4.49 -23.54 -1.21
N GLU A 81 -3.85 -24.44 -0.47
CA GLU A 81 -3.58 -25.77 -1.02
C GLU A 81 -4.86 -26.55 -1.27
N ALA A 82 -5.97 -26.05 -0.71
CA ALA A 82 -7.28 -26.72 -0.84
C ALA A 82 -8.18 -26.02 -1.87
N ALA A 83 -7.75 -24.87 -2.36
CA ALA A 83 -8.48 -24.16 -3.41
C ALA A 83 -8.84 -25.12 -4.55
N ALA A 84 -10.11 -25.18 -4.89
CA ALA A 84 -10.63 -26.18 -5.84
C ALA A 84 -10.56 -25.79 -7.32
N GLY A 85 -10.37 -26.80 -8.18
CA GLY A 85 -10.38 -26.61 -9.61
C GLY A 85 -9.02 -26.37 -10.22
N PRO A 86 -8.81 -26.88 -11.44
CA PRO A 86 -7.56 -26.72 -12.22
C PRO A 86 -7.12 -25.27 -12.35
N ALA A 87 -8.02 -24.40 -12.81
CA ALA A 87 -7.68 -22.97 -12.97
C ALA A 87 -6.93 -22.40 -11.78
N LEU A 88 -7.47 -22.59 -10.58
CA LEU A 88 -6.87 -22.05 -9.38
C LEU A 88 -5.57 -22.76 -8.98
N GLU A 89 -5.54 -24.08 -9.13
CA GLU A 89 -4.32 -24.83 -8.84
C GLU A 89 -3.17 -24.30 -9.70
N ASP A 90 -3.46 -24.08 -10.98
CA ASP A 90 -2.48 -23.54 -11.93
C ASP A 90 -1.87 -22.22 -11.47
N VAL A 91 -2.72 -21.28 -11.07
CA VAL A 91 -2.25 -19.94 -10.75
C VAL A 91 -1.63 -19.94 -9.36
N LEU A 92 -1.99 -20.92 -8.54
CA LEU A 92 -1.48 -21.02 -7.17
C LEU A 92 -0.18 -21.79 -7.08
N ASP A 93 0.19 -22.47 -8.15
CA ASP A 93 1.34 -23.38 -8.17
C ASP A 93 2.65 -22.71 -7.72
N GLN A 94 3.03 -21.63 -8.39
CA GLN A 94 4.26 -20.92 -8.03
C GLN A 94 4.17 -20.14 -6.71
N PRO A 95 3.05 -19.44 -6.47
CA PRO A 95 2.80 -18.83 -5.16
C PRO A 95 2.92 -19.82 -3.99
N LEU A 96 2.30 -21.00 -4.10
CA LEU A 96 2.46 -22.03 -3.08
C LEU A 96 3.92 -22.40 -2.87
N HIS A 97 4.68 -22.42 -3.95
CA HIS A 97 6.10 -22.79 -3.86
C HIS A 97 6.90 -21.73 -3.10
N THR A 98 6.66 -20.47 -3.41
CA THR A 98 7.32 -19.37 -2.73
C THR A 98 6.91 -19.31 -1.26
N LEU A 99 5.64 -19.55 -0.98
CA LEU A 99 5.15 -19.61 0.40
C LEU A 99 5.81 -20.72 1.22
N HIS A 100 5.95 -21.90 0.62
CA HIS A 100 6.63 -23.04 1.28
C HIS A 100 8.04 -22.64 1.66
N HIS A 101 8.72 -21.94 0.75
CA HIS A 101 10.11 -21.58 0.97
C HIS A 101 10.22 -20.54 2.09
N ILE A 102 9.32 -19.55 2.08
CA ILE A 102 9.28 -18.56 3.13
C ILE A 102 9.01 -19.20 4.49
N LEU A 103 8.03 -20.09 4.54
CA LEU A 103 7.75 -20.80 5.77
C LEU A 103 8.98 -21.55 6.29
N SER A 104 9.61 -22.36 5.44
CA SER A 104 10.73 -23.19 5.89
C SER A 104 11.88 -22.34 6.41
N GLN A 105 12.12 -21.21 5.76
CA GLN A 105 13.18 -20.31 6.20
C GLN A 105 12.84 -19.72 7.56
N LEU A 106 11.58 -19.38 7.77
CA LEU A 106 11.12 -18.85 9.04
C LEU A 106 11.37 -19.87 10.17
N GLN A 107 11.09 -21.14 9.88
CA GLN A 107 11.19 -22.20 10.89
C GLN A 107 12.62 -22.58 11.27
N ALA A 108 13.57 -22.22 10.42
CA ALA A 108 14.98 -22.47 10.71
C ALA A 108 15.61 -21.31 11.49
N CYS A 109 14.76 -20.40 11.96
CA CYS A 109 15.21 -19.24 12.73
C CYS A 109 14.49 -19.17 14.07
N ILE A 110 13.56 -20.08 14.31
CA ILE A 110 12.64 -19.99 15.44
C ILE A 110 13.19 -20.55 16.75
N GLN A 111 13.46 -19.66 17.69
CA GLN A 111 13.87 -20.03 19.04
C GLN A 111 14.95 -21.10 19.07
N PRO A 120 0.33 -17.59 31.87
CA PRO A 120 1.15 -17.59 30.66
C PRO A 120 0.34 -17.42 29.38
N ARG A 121 -0.98 -17.26 29.51
CA ARG A 121 -1.84 -17.12 28.33
C ARG A 121 -2.28 -15.66 28.13
N GLY A 122 -1.95 -15.12 26.96
CA GLY A 122 -2.29 -13.75 26.62
C GLY A 122 -2.63 -13.59 25.15
N ARG A 123 -2.25 -12.45 24.58
CA ARG A 123 -2.64 -12.12 23.20
C ARG A 123 -2.19 -13.17 22.17
N LEU A 124 -0.91 -13.56 22.21
CA LEU A 124 -0.41 -14.57 21.28
C LEU A 124 -1.26 -15.82 21.37
N HIS A 125 -1.48 -16.30 22.58
CA HIS A 125 -2.29 -17.48 22.80
C HIS A 125 -3.69 -17.32 22.19
N HIS A 126 -4.36 -16.21 22.49
CA HIS A 126 -5.70 -16.00 21.97
C HIS A 126 -5.74 -15.92 20.46
N TRP A 127 -4.78 -15.21 19.88
CA TRP A 127 -4.67 -15.11 18.42
C TRP A 127 -4.39 -16.46 17.75
N LEU A 128 -3.48 -17.23 18.33
CA LEU A 128 -3.21 -18.58 17.85
C LEU A 128 -4.49 -19.40 17.87
N HIS A 129 -5.21 -19.35 18.99
CA HIS A 129 -6.46 -20.08 19.12
C HIS A 129 -7.45 -19.70 18.00
N ARG A 130 -7.61 -18.40 17.73
CA ARG A 130 -8.58 -17.97 16.72
C ARG A 130 -8.26 -18.55 15.35
N LEU A 131 -6.99 -18.57 14.98
CA LEU A 131 -6.60 -19.07 13.66
C LEU A 131 -6.74 -20.59 13.59
N GLN A 132 -6.43 -21.29 14.68
CA GLN A 132 -6.54 -22.75 14.67
C GLN A 132 -8.00 -23.19 14.61
N GLU A 133 -8.88 -22.46 15.29
CA GLU A 133 -10.29 -22.82 15.38
C GLU A 133 -11.10 -22.43 14.15
N ALA A 134 -10.60 -21.46 13.39
CA ALA A 134 -11.35 -20.92 12.25
C ALA A 134 -11.73 -21.97 11.20
N PRO A 135 -10.78 -22.82 10.80
CA PRO A 135 -11.07 -23.84 9.79
C PRO A 135 -12.15 -24.82 10.24
N LYS A 136 -12.33 -24.97 11.55
CA LYS A 136 -13.34 -25.88 12.09
C LYS A 136 -14.73 -25.27 12.08
N LYS A 137 -14.80 -23.94 12.13
CA LYS A 137 -16.05 -23.25 12.37
C LYS A 137 -16.63 -22.54 11.14
N GLU A 138 -15.76 -22.19 10.19
CA GLU A 138 -16.20 -21.37 9.07
C GLU A 138 -16.19 -22.15 7.75
N SER A 139 -16.91 -21.64 6.76
CA SER A 139 -16.97 -22.28 5.45
C SER A 139 -15.63 -22.18 4.72
N ALA A 140 -15.51 -22.95 3.64
CA ALA A 140 -14.31 -22.92 2.81
C ALA A 140 -14.17 -21.57 2.13
N GLY A 141 -15.27 -21.06 1.59
CA GLY A 141 -15.29 -19.75 0.97
C GLY A 141 -14.77 -18.68 1.90
N CYS A 142 -15.25 -18.71 3.13
CA CYS A 142 -14.88 -17.72 4.13
C CYS A 142 -13.38 -17.76 4.41
N LEU A 143 -12.84 -18.95 4.66
CA LEU A 143 -11.39 -19.11 4.87
C LEU A 143 -10.58 -18.69 3.66
N GLU A 144 -11.06 -19.06 2.48
CA GLU A 144 -10.41 -18.71 1.23
C GLU A 144 -10.37 -17.17 1.15
N ALA A 145 -11.51 -16.54 1.39
CA ALA A 145 -11.61 -15.08 1.36
C ALA A 145 -10.64 -14.43 2.33
N SER A 146 -10.54 -14.97 3.53
CA SER A 146 -9.72 -14.38 4.57
C SER A 146 -8.24 -14.38 4.22
N VAL A 147 -7.72 -15.52 3.76
CA VAL A 147 -6.29 -15.60 3.56
C VAL A 147 -5.91 -14.88 2.28
N THR A 148 -6.84 -14.81 1.33
CA THR A 148 -6.52 -14.11 0.08
C THR A 148 -6.37 -12.63 0.40
N PHE A 149 -7.33 -12.09 1.16
CA PHE A 149 -7.32 -10.66 1.46
C PHE A 149 -6.22 -10.31 2.45
N ASN A 150 -5.74 -11.31 3.18
CA ASN A 150 -4.64 -11.12 4.12
C ASN A 150 -3.27 -11.22 3.43
N LEU A 151 -3.27 -11.75 2.21
CA LEU A 151 -2.01 -12.16 1.57
C LEU A 151 -0.93 -11.07 1.48
N PHE A 152 -1.24 -9.93 0.88
CA PHE A 152 -0.20 -8.91 0.69
C PHE A 152 0.24 -8.21 1.96
N ARG A 153 -0.66 -8.08 2.93
CA ARG A 153 -0.27 -7.57 4.24
C ARG A 153 0.73 -8.53 4.88
N LEU A 154 0.46 -9.81 4.73
CA LEU A 154 1.36 -10.83 5.26
C LEU A 154 2.74 -10.66 4.63
N LEU A 155 2.76 -10.64 3.30
CA LEU A 155 4.03 -10.65 2.57
C LEU A 155 4.81 -9.36 2.71
N THR A 156 4.08 -8.26 2.85
CA THR A 156 4.68 -6.91 2.82
C THR A 156 4.96 -6.34 4.21
N ARG A 157 3.96 -6.39 5.09
CA ARG A 157 4.09 -5.79 6.41
C ARG A 157 4.65 -6.79 7.40
N ASP A 158 3.97 -7.92 7.53
CA ASP A 158 4.32 -8.88 8.58
C ASP A 158 5.71 -9.47 8.38
N LEU A 159 6.05 -9.88 7.15
CA LEU A 159 7.38 -10.41 6.87
C LEU A 159 8.47 -9.40 7.23
N LYS A 160 8.29 -8.15 6.81
CA LYS A 160 9.30 -7.13 7.03
C LYS A 160 9.55 -6.86 8.52
N TYR A 161 8.47 -6.68 9.29
CA TYR A 161 8.63 -6.38 10.71
C TYR A 161 9.39 -7.49 11.43
N VAL A 162 9.07 -8.73 11.11
CA VAL A 162 9.79 -9.87 11.69
C VAL A 162 11.28 -9.87 11.30
N ALA A 163 11.56 -9.64 10.01
CA ALA A 163 12.95 -9.59 9.54
C ALA A 163 13.76 -8.46 10.18
N ASP A 164 13.09 -7.35 10.49
CA ASP A 164 13.75 -6.21 11.13
C ASP A 164 14.11 -6.52 12.59
N GLY A 165 13.09 -6.82 13.38
CA GLY A 165 13.29 -7.18 14.79
C GLY A 165 14.08 -8.46 14.95
N ASN A 166 14.22 -9.22 13.86
CA ASN A 166 15.02 -10.45 13.84
C ASN A 166 14.27 -11.66 14.42
N PRO B 4 -36.12 19.42 -8.40
CA PRO B 4 -35.18 18.97 -9.43
C PRO B 4 -34.04 18.18 -8.79
N ARG B 5 -34.08 16.85 -8.84
CA ARG B 5 -33.01 16.06 -8.22
C ARG B 5 -31.64 16.51 -8.73
N LEU B 6 -30.64 16.35 -7.87
CA LEU B 6 -29.43 17.17 -7.93
C LEU B 6 -28.34 16.82 -8.96
N ALA B 7 -28.48 15.72 -9.70
CA ALA B 7 -27.47 15.36 -10.71
C ALA B 7 -26.11 15.04 -10.11
N PRO B 8 -25.53 13.89 -10.48
CA PRO B 8 -24.33 13.34 -9.86
C PRO B 8 -23.05 14.00 -10.36
N PRO B 9 -21.97 13.88 -9.59
CA PRO B 9 -20.65 14.35 -10.01
C PRO B 9 -20.17 13.60 -11.25
N GLN B 10 -19.25 14.19 -11.99
CA GLN B 10 -18.74 13.57 -13.22
C GLN B 10 -17.27 13.26 -13.12
N ASN B 11 -16.81 12.38 -14.01
CA ASN B 11 -15.42 11.97 -14.04
C ASN B 11 -14.86 11.77 -12.64
N VAL B 12 -15.50 10.87 -11.89
CA VAL B 12 -15.06 10.54 -10.55
C VAL B 12 -13.84 9.64 -10.65
N THR B 13 -12.73 10.07 -10.03
CA THR B 13 -11.45 9.45 -10.27
C THR B 13 -10.65 9.32 -8.99
N LEU B 14 -10.15 8.12 -8.73
CA LEU B 14 -9.36 7.85 -7.55
C LEU B 14 -7.93 7.67 -8.01
N LEU B 15 -7.03 8.54 -7.56
CA LEU B 15 -5.66 8.48 -8.04
C LEU B 15 -4.66 8.71 -6.92
N SER B 16 -3.42 8.31 -7.18
CA SER B 16 -2.35 8.47 -6.20
C SER B 16 -1.39 9.53 -6.68
N GLN B 17 -0.92 10.33 -5.73
CA GLN B 17 0.12 11.30 -6.02
C GLN B 17 0.90 11.54 -4.72
N ASN B 18 2.22 11.54 -4.82
CA ASN B 18 3.09 11.78 -3.68
C ASN B 18 2.80 10.85 -2.51
N PHE B 19 2.73 9.55 -2.79
CA PHE B 19 2.50 8.53 -1.76
C PHE B 19 1.08 8.52 -1.21
N SER B 20 0.26 9.50 -1.61
CA SER B 20 -1.09 9.60 -1.07
C SER B 20 -2.14 9.26 -2.14
N VAL B 21 -3.40 9.25 -1.73
CA VAL B 21 -4.51 8.93 -2.62
C VAL B 21 -5.54 10.06 -2.56
N TYR B 22 -6.08 10.43 -3.70
CA TYR B 22 -7.08 11.48 -3.76
C TYR B 22 -8.25 11.04 -4.63
N LEU B 23 -9.45 11.43 -4.22
CA LEU B 23 -10.62 11.32 -5.07
C LEU B 23 -10.88 12.72 -5.63
N THR B 24 -11.04 12.81 -6.96
CA THR B 24 -11.40 14.07 -7.59
C THR B 24 -12.61 13.86 -8.48
N TRP B 25 -13.30 14.94 -8.84
CA TRP B 25 -14.50 14.84 -9.66
C TRP B 25 -14.84 16.20 -10.26
N LEU B 26 -15.84 16.23 -11.13
CA LEU B 26 -16.34 17.50 -11.66
C LEU B 26 -17.82 17.68 -11.32
N PRO B 27 -18.27 18.95 -11.32
CA PRO B 27 -19.65 19.31 -10.99
C PRO B 27 -20.68 18.57 -11.83
N GLY B 28 -21.88 18.41 -11.28
CA GLY B 28 -22.99 17.78 -12.00
C GLY B 28 -23.51 18.70 -13.08
N LEU B 29 -23.87 18.11 -14.21
CA LEU B 29 -24.28 18.87 -15.39
C LEU B 29 -25.22 20.05 -15.14
N GLY B 30 -26.40 19.77 -14.59
CA GLY B 30 -27.41 20.82 -14.48
C GLY B 30 -27.42 21.60 -13.19
N ASN B 31 -26.37 21.45 -12.39
CA ASN B 31 -26.40 21.94 -11.03
C ASN B 31 -26.13 23.42 -10.85
N PRO B 32 -26.64 23.99 -9.75
CA PRO B 32 -26.30 25.33 -9.28
C PRO B 32 -24.92 25.28 -8.67
N GLN B 33 -24.15 26.36 -8.72
CA GLN B 33 -23.01 26.46 -7.84
C GLN B 33 -23.61 26.40 -6.44
N ASP B 34 -22.77 26.39 -5.42
CA ASP B 34 -23.28 26.45 -4.06
C ASP B 34 -23.95 25.13 -3.69
N VAL B 35 -23.38 24.04 -4.19
CA VAL B 35 -23.77 22.72 -3.72
C VAL B 35 -22.62 22.15 -2.93
N THR B 36 -22.90 21.11 -2.15
CA THR B 36 -21.86 20.40 -1.42
C THR B 36 -21.77 18.96 -1.92
N TYR B 37 -20.72 18.26 -1.49
CA TYR B 37 -20.51 16.87 -1.87
C TYR B 37 -20.21 16.06 -0.62
N PHE B 38 -20.70 14.83 -0.60
CA PHE B 38 -20.34 13.88 0.45
C PHE B 38 -19.57 12.72 -0.16
N VAL B 39 -18.53 12.27 0.55
CA VAL B 39 -17.64 11.25 0.04
C VAL B 39 -17.62 10.03 0.97
N ALA B 40 -17.50 8.85 0.38
CA ALA B 40 -17.39 7.62 1.15
C ALA B 40 -16.35 6.72 0.50
N TYR B 41 -15.88 5.74 1.27
CA TYR B 41 -14.91 4.77 0.79
C TYR B 41 -15.25 3.40 1.35
N GLN B 42 -14.66 2.38 0.75
CA GLN B 42 -14.88 1.03 1.23
C GLN B 42 -13.86 0.72 2.33
N SER B 43 -14.32 0.11 3.41
CA SER B 43 -13.39 -0.40 4.43
C SER B 43 -12.74 -1.73 3.98
N SER B 44 -12.03 -2.39 4.89
CA SER B 44 -11.32 -3.64 4.56
C SER B 44 -12.26 -4.70 3.96
N PRO B 45 -11.76 -5.47 2.98
CA PRO B 45 -12.58 -6.45 2.25
C PRO B 45 -13.31 -7.45 3.15
N THR B 46 -12.69 -7.85 4.25
CA THR B 46 -13.34 -8.80 5.19
C THR B 46 -14.28 -8.16 6.20
N ARG B 47 -14.19 -6.84 6.37
CA ARG B 47 -15.17 -6.10 7.19
C ARG B 47 -15.63 -4.89 6.39
N ARG B 48 -16.28 -5.16 5.27
CA ARG B 48 -16.53 -4.15 4.26
C ARG B 48 -17.91 -3.48 4.35
N ARG B 49 -17.89 -2.16 4.40
CA ARG B 49 -19.08 -1.35 4.18
C ARG B 49 -18.57 -0.03 3.61
N TRP B 50 -19.48 0.83 3.17
CA TRP B 50 -19.11 2.19 2.80
C TRP B 50 -19.03 3.06 4.07
N ARG B 51 -17.89 3.72 4.29
CA ARG B 51 -17.73 4.67 5.40
C ARG B 51 -17.59 6.09 4.87
N GLU B 52 -18.12 7.04 5.63
CA GLU B 52 -18.06 8.43 5.25
C GLU B 52 -16.72 9.05 5.63
N VAL B 53 -16.18 9.87 4.73
CA VAL B 53 -15.00 10.68 5.04
C VAL B 53 -15.43 11.94 5.79
N GLU B 54 -15.10 11.99 7.08
CA GLU B 54 -15.51 13.11 7.95
C GLU B 54 -15.05 14.47 7.39
N GLU B 55 -13.80 14.54 6.96
CA GLU B 55 -13.22 15.79 6.44
C GLU B 55 -13.95 16.34 5.21
N CYS B 56 -14.41 15.46 4.33
CA CYS B 56 -15.11 15.89 3.11
C CYS B 56 -16.60 15.65 3.25
N ALA B 57 -17.17 16.00 4.40
CA ALA B 57 -18.61 15.89 4.58
C ALA B 57 -19.23 17.25 4.30
N GLY B 58 -19.95 17.34 3.20
CA GLY B 58 -20.52 18.59 2.77
C GLY B 58 -19.46 19.56 2.30
N THR B 59 -18.40 19.05 1.68
CA THR B 59 -17.37 19.92 1.14
C THR B 59 -17.87 20.59 -0.13
N LYS B 60 -17.32 21.77 -0.42
CA LYS B 60 -17.62 22.47 -1.66
C LYS B 60 -16.50 22.28 -2.68
N GLU B 61 -15.43 21.62 -2.25
CA GLU B 61 -14.29 21.38 -3.14
C GLU B 61 -14.57 20.24 -4.11
N LEU B 62 -13.67 20.05 -5.08
CA LEU B 62 -13.83 19.02 -6.09
C LEU B 62 -12.81 17.89 -5.90
N LEU B 63 -12.23 17.83 -4.72
CA LEU B 63 -11.33 16.75 -4.39
C LEU B 63 -11.40 16.42 -2.91
N CYS B 64 -10.79 15.30 -2.55
CA CYS B 64 -10.85 14.79 -1.20
C CYS B 64 -9.67 13.87 -0.99
N SER B 65 -8.86 14.15 0.02
CA SER B 65 -7.76 13.27 0.39
C SER B 65 -8.32 11.94 0.89
N MET B 66 -7.81 10.83 0.37
CA MET B 66 -8.34 9.51 0.71
C MET B 66 -7.26 8.63 1.34
N MET B 67 -6.45 9.22 2.21
CA MET B 67 -5.31 8.54 2.77
C MET B 67 -5.37 8.46 4.30
N CYS B 68 -4.92 7.34 4.85
CA CYS B 68 -4.89 7.17 6.31
C CYS B 68 -6.28 7.34 6.92
N LEU B 69 -7.29 6.81 6.23
CA LEU B 69 -8.66 6.89 6.74
C LEU B 69 -8.89 5.78 7.76
N LYS B 70 -9.91 5.95 8.59
CA LYS B 70 -10.25 4.97 9.61
C LYS B 70 -10.75 3.65 8.99
N LYS B 71 -10.19 2.53 9.42
CA LYS B 71 -10.61 1.22 8.93
C LYS B 71 -10.22 1.00 7.47
N GLN B 72 -9.35 1.86 6.95
CA GLN B 72 -8.86 1.71 5.59
C GLN B 72 -7.74 0.65 5.51
N ASP B 73 -7.90 -0.28 4.59
CA ASP B 73 -6.88 -1.31 4.38
C ASP B 73 -6.19 -1.06 3.05
N LEU B 74 -4.96 -0.55 3.09
CA LEU B 74 -4.23 -0.19 1.87
C LEU B 74 -3.51 -1.38 1.23
N TYR B 75 -3.63 -2.55 1.83
CA TYR B 75 -3.02 -3.75 1.27
C TYR B 75 -4.01 -4.46 0.35
N ASN B 76 -5.18 -3.84 0.17
CA ASN B 76 -6.23 -4.41 -0.67
C ASN B 76 -6.85 -3.31 -1.50
N LYS B 77 -7.57 -3.70 -2.55
CA LYS B 77 -8.26 -2.76 -3.42
C LYS B 77 -9.35 -2.01 -2.65
N PHE B 78 -9.54 -0.74 -2.96
CA PHE B 78 -10.72 -0.03 -2.47
C PHE B 78 -11.18 1.04 -3.46
N LYS B 79 -12.47 1.36 -3.41
CA LYS B 79 -13.10 2.37 -4.25
C LYS B 79 -13.50 3.56 -3.38
N GLY B 80 -13.71 4.70 -4.02
CA GLY B 80 -14.39 5.81 -3.40
C GLY B 80 -15.73 6.05 -4.08
N ARG B 81 -16.60 6.84 -3.45
CA ARG B 81 -17.86 7.27 -4.08
C ARG B 81 -18.13 8.73 -3.71
N VAL B 82 -18.83 9.44 -4.59
CA VAL B 82 -19.18 10.83 -4.37
C VAL B 82 -20.64 11.06 -4.76
N ARG B 83 -21.33 11.94 -4.04
CA ARG B 83 -22.69 12.35 -4.38
C ARG B 83 -22.88 13.84 -4.14
N THR B 84 -23.74 14.47 -4.94
CA THR B 84 -24.00 15.90 -4.79
C THR B 84 -25.13 16.10 -3.79
N VAL B 85 -24.93 17.03 -2.86
CA VAL B 85 -25.90 17.23 -1.78
C VAL B 85 -26.22 18.70 -1.55
N SER B 86 -27.51 18.98 -1.46
CA SER B 86 -28.07 20.27 -1.16
C SER B 86 -29.21 19.94 -0.22
N PRO B 87 -29.64 20.88 0.61
CA PRO B 87 -30.71 20.53 1.55
C PRO B 87 -31.98 20.18 0.78
N SER B 88 -32.65 19.11 1.22
CA SER B 88 -33.88 18.65 0.60
C SER B 88 -33.59 17.84 -0.67
N SER B 89 -32.32 17.58 -0.94
CA SER B 89 -31.93 16.86 -2.15
C SER B 89 -30.57 16.16 -2.06
N LYS B 90 -30.35 15.20 -2.95
CA LYS B 90 -29.08 14.48 -3.05
C LYS B 90 -29.08 13.69 -4.35
N SER B 91 -27.95 13.68 -5.05
CA SER B 91 -27.88 12.92 -6.30
C SER B 91 -27.54 11.47 -6.02
N PRO B 92 -27.64 10.60 -7.05
CA PRO B 92 -27.12 9.25 -6.87
C PRO B 92 -25.61 9.31 -6.62
N TRP B 93 -25.08 8.27 -5.97
CA TRP B 93 -23.66 8.13 -5.75
C TRP B 93 -22.98 7.81 -7.07
N VAL B 94 -21.75 8.26 -7.25
CA VAL B 94 -20.93 7.81 -8.36
C VAL B 94 -19.63 7.26 -7.80
N GLU B 95 -19.35 6.00 -8.12
CA GLU B 95 -18.17 5.31 -7.60
C GLU B 95 -16.96 5.49 -8.52
N SER B 96 -15.78 5.52 -7.93
CA SER B 96 -14.55 5.47 -8.70
C SER B 96 -14.26 4.03 -9.10
N GLU B 97 -13.14 3.81 -9.79
CA GLU B 97 -12.62 2.47 -10.02
C GLU B 97 -11.81 2.09 -8.79
N TYR B 98 -11.61 0.79 -8.59
CA TYR B 98 -10.72 0.31 -7.54
C TYR B 98 -9.33 0.92 -7.70
N LEU B 99 -8.73 1.29 -6.58
CA LEU B 99 -7.30 1.57 -6.57
C LEU B 99 -6.60 0.56 -5.66
N ASP B 100 -5.48 0.04 -6.14
CA ASP B 100 -4.67 -0.94 -5.42
C ASP B 100 -3.31 -0.35 -5.06
N TYR B 101 -3.22 0.19 -3.85
CA TYR B 101 -2.13 1.05 -3.46
C TYR B 101 -0.70 0.52 -3.72
N LEU B 102 -0.43 -0.71 -3.32
CA LEU B 102 0.92 -1.25 -3.47
C LEU B 102 1.37 -1.24 -4.93
N PHE B 103 0.40 -1.40 -5.82
CA PHE B 103 0.68 -1.49 -7.25
C PHE B 103 0.47 -0.18 -8.00
N GLU B 104 -0.13 0.82 -7.34
CA GLU B 104 -0.53 2.03 -8.05
C GLU B 104 -0.04 3.33 -7.42
N VAL B 105 0.52 3.24 -6.21
CA VAL B 105 1.01 4.45 -5.56
C VAL B 105 2.07 5.16 -6.40
N GLU B 106 2.02 6.49 -6.40
CA GLU B 106 3.01 7.30 -7.12
C GLU B 106 3.90 8.00 -6.10
N PRO B 107 5.22 7.77 -6.20
CA PRO B 107 6.18 8.31 -5.23
C PRO B 107 6.42 9.80 -5.42
N ALA B 108 6.74 10.50 -4.33
CA ALA B 108 7.12 11.90 -4.40
C ALA B 108 8.63 11.97 -4.49
N PRO B 109 9.16 13.09 -5.01
CA PRO B 109 10.61 13.28 -4.98
C PRO B 109 11.08 13.34 -3.53
N PRO B 110 12.36 13.03 -3.27
CA PRO B 110 12.84 13.21 -1.90
C PRO B 110 13.09 14.68 -1.60
N VAL B 111 13.20 14.99 -0.31
CA VAL B 111 13.71 16.28 0.11
C VAL B 111 15.18 16.06 0.42
N LEU B 112 16.05 16.73 -0.32
CA LEU B 112 17.49 16.52 -0.15
C LEU B 112 18.06 17.30 1.03
N VAL B 113 18.67 16.59 1.96
CA VAL B 113 19.39 17.22 3.05
C VAL B 113 20.87 17.34 2.65
N LEU B 114 21.37 18.57 2.60
CA LEU B 114 22.71 18.79 2.08
C LEU B 114 23.72 19.25 3.15
N THR B 115 24.90 18.62 3.09
CA THR B 115 26.02 19.01 3.93
C THR B 115 27.26 19.14 3.06
N GLN B 116 28.23 19.92 3.49
CA GLN B 116 29.42 20.14 2.68
C GLN B 116 30.74 20.12 3.45
N THR B 117 31.37 18.95 3.50
CA THR B 117 32.75 18.86 3.98
C THR B 117 33.62 19.55 2.93
N GLU B 118 34.85 19.87 3.30
CA GLU B 118 35.72 20.67 2.43
C GLU B 118 35.68 20.27 0.95
N GLU B 119 35.83 18.98 0.67
CA GLU B 119 35.79 18.50 -0.70
C GLU B 119 34.70 17.45 -0.93
N ILE B 120 33.93 17.17 0.12
CA ILE B 120 32.85 16.20 0.01
C ILE B 120 31.46 16.83 0.16
N LEU B 121 30.73 16.84 -0.95
CA LEU B 121 29.34 17.27 -0.93
C LEU B 121 28.45 16.06 -0.70
N SER B 122 27.67 16.11 0.36
CA SER B 122 26.83 14.98 0.74
C SER B 122 25.37 15.31 0.54
N ALA B 123 24.65 14.42 -0.13
CA ALA B 123 23.21 14.58 -0.32
C ALA B 123 22.49 13.39 0.27
N ASN B 124 21.53 13.65 1.15
CA ASN B 124 20.78 12.59 1.80
C ASN B 124 19.29 12.79 1.56
N ALA B 125 18.61 11.74 1.12
CA ALA B 125 17.19 11.83 0.85
C ALA B 125 16.37 11.66 2.11
N THR B 126 15.40 12.54 2.32
CA THR B 126 14.45 12.39 3.39
C THR B 126 13.04 12.48 2.83
N TYR B 127 12.08 11.92 3.55
CA TYR B 127 10.71 11.87 3.08
C TYR B 127 9.78 12.17 4.24
N GLN B 128 8.73 12.93 3.98
CA GLN B 128 7.64 13.03 4.94
C GLN B 128 6.52 12.10 4.47
N LEU B 129 6.42 10.94 5.11
CA LEU B 129 5.54 9.88 4.65
C LEU B 129 4.22 9.82 5.42
N PRO B 130 3.11 9.54 4.73
CA PRO B 130 1.86 9.35 5.47
C PRO B 130 2.10 8.32 6.55
N PRO B 131 1.64 8.58 7.77
CA PRO B 131 1.95 7.71 8.92
C PRO B 131 1.44 6.27 8.76
N CYS B 132 0.43 6.09 7.92
CA CYS B 132 -0.21 4.78 7.71
C CYS B 132 0.36 4.01 6.52
N MET B 133 1.32 4.60 5.83
CA MET B 133 1.86 4.00 4.61
C MET B 133 2.50 2.63 4.87
N PRO B 134 2.16 1.63 4.05
CA PRO B 134 2.90 0.35 4.06
C PRO B 134 4.39 0.60 3.95
N PRO B 135 5.21 -0.36 4.41
CA PRO B 135 6.67 -0.20 4.42
C PRO B 135 7.25 -0.37 3.01
N LEU B 136 7.16 0.68 2.20
CA LEU B 136 7.62 0.61 0.82
C LEU B 136 9.14 0.60 0.75
N ASP B 137 9.66 -0.08 -0.27
CA ASP B 137 11.09 -0.06 -0.56
C ASP B 137 11.37 1.12 -1.50
N LEU B 138 12.11 2.09 -1.02
CA LEU B 138 12.32 3.32 -1.76
C LEU B 138 13.80 3.52 -2.00
N LYS B 139 14.13 3.97 -3.21
CA LYS B 139 15.49 4.30 -3.54
C LYS B 139 15.46 5.66 -4.22
N TYR B 140 16.62 6.28 -4.35
CA TYR B 140 16.67 7.55 -5.02
C TYR B 140 17.91 7.70 -5.91
N GLU B 141 17.87 8.71 -6.77
CA GLU B 141 18.90 8.91 -7.76
C GLU B 141 19.18 10.40 -7.86
N VAL B 142 20.42 10.77 -7.57
CA VAL B 142 20.82 12.18 -7.58
C VAL B 142 21.36 12.61 -8.94
N ALA B 143 20.92 13.78 -9.39
CA ALA B 143 21.52 14.39 -10.58
C ALA B 143 22.32 15.59 -10.14
N PHE B 144 23.51 15.74 -10.72
CA PHE B 144 24.44 16.77 -10.30
C PHE B 144 25.04 17.42 -11.54
N TRP B 145 25.11 18.74 -11.55
CA TRP B 145 25.64 19.44 -12.71
C TRP B 145 26.20 20.81 -12.37
N LYS B 146 27.14 21.26 -13.20
CA LYS B 146 27.69 22.61 -13.13
C LYS B 146 26.69 23.52 -13.84
N GLU B 147 26.29 24.60 -13.17
CA GLU B 147 25.22 25.45 -13.68
C GLU B 147 25.46 25.95 -15.10
N GLY B 148 26.73 26.10 -15.47
CA GLY B 148 27.08 26.50 -16.83
C GLY B 148 27.28 25.31 -17.75
N ALA B 149 28.35 24.55 -17.51
CA ALA B 149 28.64 23.35 -18.29
C ALA B 149 27.44 22.40 -18.29
N GLY B 150 27.00 22.02 -19.48
CA GLY B 150 25.77 21.25 -19.64
C GLY B 150 25.71 19.86 -19.00
N ASN B 151 26.70 19.03 -19.29
CA ASN B 151 26.68 17.63 -18.87
C ASN B 151 26.38 17.40 -17.38
N LYS B 152 25.42 16.52 -17.10
CA LYS B 152 25.08 16.16 -15.73
C LYS B 152 25.56 14.75 -15.41
N THR B 153 25.80 14.53 -14.13
CA THR B 153 26.20 13.21 -13.66
C THR B 153 25.05 12.59 -12.88
N LEU B 154 24.68 11.37 -13.26
CA LEU B 154 23.68 10.61 -12.52
C LEU B 154 24.36 9.59 -11.62
N PHE B 155 24.17 9.75 -10.31
CA PHE B 155 24.79 8.85 -9.35
C PHE B 155 23.95 7.60 -9.20
N PRO B 156 24.58 6.48 -8.79
CA PRO B 156 23.88 5.19 -8.76
C PRO B 156 22.69 5.23 -7.82
N VAL B 157 21.69 4.40 -8.12
CA VAL B 157 20.50 4.30 -7.28
C VAL B 157 20.89 3.92 -5.87
N THR B 158 20.35 4.68 -4.92
CA THR B 158 20.72 4.55 -3.51
C THR B 158 19.49 4.31 -2.65
N PRO B 159 19.57 3.34 -1.73
CA PRO B 159 18.43 3.07 -0.86
C PRO B 159 18.11 4.26 0.05
N HIS B 160 16.84 4.56 0.22
CA HIS B 160 16.43 5.52 1.24
C HIS B 160 17.08 5.07 2.53
N GLY B 161 17.86 5.96 3.16
CA GLY B 161 18.57 5.60 4.37
C GLY B 161 20.07 5.82 4.26
N GLN B 162 20.58 5.87 3.03
CA GLN B 162 22.00 6.10 2.78
C GLN B 162 22.20 7.43 2.08
N PRO B 163 23.27 8.16 2.44
CA PRO B 163 23.60 9.42 1.77
C PRO B 163 24.27 9.16 0.44
N VAL B 164 24.30 10.17 -0.41
CA VAL B 164 25.05 10.12 -1.65
C VAL B 164 26.24 11.07 -1.50
N GLN B 165 27.44 10.51 -1.57
CA GLN B 165 28.65 11.30 -1.41
C GLN B 165 29.17 11.77 -2.76
N ILE B 166 29.51 13.04 -2.84
CA ILE B 166 30.00 13.63 -4.08
C ILE B 166 31.35 14.30 -3.86
N THR B 167 32.39 13.80 -4.54
CA THR B 167 33.71 14.40 -4.41
C THR B 167 33.85 15.55 -5.41
N LEU B 168 34.31 16.71 -4.92
CA LEU B 168 34.30 17.93 -5.72
C LEU B 168 35.66 18.27 -6.35
N GLN B 169 35.63 19.23 -7.27
CA GLN B 169 36.83 19.74 -7.91
C GLN B 169 36.85 21.27 -7.83
N PRO B 170 37.92 21.84 -7.26
CA PRO B 170 38.03 23.28 -6.95
C PRO B 170 37.28 24.20 -7.92
N ALA B 171 37.45 23.99 -9.22
CA ALA B 171 36.75 24.78 -10.25
C ALA B 171 36.48 26.22 -9.83
N GLU B 174 31.62 27.63 -10.37
CA GLU B 174 30.58 28.57 -9.99
C GLU B 174 29.40 27.90 -9.27
N HIS B 175 28.19 28.22 -9.70
CA HIS B 175 27.00 27.59 -9.15
C HIS B 175 27.03 26.10 -9.43
N HIS B 176 26.66 25.29 -8.45
CA HIS B 176 26.53 23.85 -8.66
C HIS B 176 25.17 23.37 -8.17
N CYS B 177 24.68 22.30 -8.78
CA CYS B 177 23.28 21.95 -8.61
C CYS B 177 23.00 20.48 -8.32
N LEU B 178 22.00 20.27 -7.49
CA LEU B 178 21.61 18.94 -7.03
C LEU B 178 20.12 18.76 -7.23
N SER B 179 19.76 17.57 -7.66
CA SER B 179 18.37 17.18 -7.81
C SER B 179 18.30 15.70 -7.49
N ALA B 180 17.12 15.21 -7.13
CA ALA B 180 16.97 13.77 -6.90
C ALA B 180 15.56 13.31 -7.25
N ARG B 181 15.45 12.06 -7.71
CA ARG B 181 14.14 11.45 -7.92
C ARG B 181 14.03 10.12 -7.20
N THR B 182 12.79 9.75 -6.85
CA THR B 182 12.51 8.52 -6.14
C THR B 182 12.21 7.40 -7.14
N ILE B 183 12.77 6.22 -6.88
CA ILE B 183 12.35 5.01 -7.58
C ILE B 183 11.69 4.06 -6.58
N TYR B 184 10.47 3.61 -6.89
CA TYR B 184 9.77 2.65 -6.07
C TYR B 184 9.49 1.44 -6.93
N THR B 185 10.01 0.30 -6.52
CA THR B 185 9.77 -0.91 -7.29
C THR B 185 9.01 -1.93 -6.45
N PHE B 186 7.81 -2.25 -6.88
CA PHE B 186 7.07 -3.34 -6.28
C PHE B 186 7.06 -4.46 -7.33
N SER B 187 6.08 -4.42 -8.23
CA SER B 187 6.14 -5.29 -9.41
C SER B 187 6.76 -4.55 -10.62
N VAL B 188 6.40 -3.28 -10.79
CA VAL B 188 6.92 -2.47 -11.90
C VAL B 188 7.47 -1.15 -11.41
N PRO B 189 8.73 -0.85 -11.74
CA PRO B 189 9.42 0.37 -11.26
C PRO B 189 8.63 1.64 -11.55
N LYS B 190 8.52 2.51 -10.55
CA LYS B 190 7.85 3.81 -10.70
C LYS B 190 8.80 4.92 -10.30
N TYR B 191 8.90 5.95 -11.13
CA TYR B 191 9.81 7.06 -10.91
C TYR B 191 9.04 8.33 -10.63
N SER B 192 9.49 9.11 -9.64
CA SER B 192 8.90 10.41 -9.41
C SER B 192 9.58 11.40 -10.35
N LYS B 193 9.05 12.61 -10.44
CA LYS B 193 9.78 13.69 -11.09
C LYS B 193 11.00 14.01 -10.22
N PHE B 194 11.94 14.76 -10.77
CA PHE B 194 13.07 15.23 -9.96
C PHE B 194 12.61 16.32 -9.00
N SER B 195 13.23 16.40 -7.85
CA SER B 195 12.95 17.45 -6.88
C SER B 195 13.38 18.80 -7.45
N LYS B 196 12.91 19.88 -6.82
CA LYS B 196 13.35 21.22 -7.21
C LYS B 196 14.84 21.33 -6.93
N PRO B 197 15.62 21.75 -7.93
CA PRO B 197 17.07 21.75 -7.80
C PRO B 197 17.53 22.69 -6.70
N THR B 198 18.60 22.33 -6.03
CA THR B 198 19.23 23.21 -5.06
C THR B 198 20.55 23.64 -5.64
N CYS B 199 20.72 24.95 -5.80
CA CYS B 199 21.93 25.49 -6.41
C CYS B 199 22.66 26.40 -5.45
N PHE B 200 23.98 26.31 -5.45
CA PHE B 200 24.79 26.99 -4.45
C PHE B 200 26.16 27.31 -5.00
N LEU B 201 26.81 28.30 -4.40
CA LEU B 201 28.01 28.91 -4.97
C LEU B 201 29.30 28.19 -4.59
N LEU B 202 30.13 27.94 -5.59
CA LEU B 202 31.44 27.32 -5.38
C LEU B 202 32.23 27.24 -6.68
C1 NAG C . 20.50 10.08 6.09
C2 NAG C . 20.86 9.99 7.57
C3 NAG C . 20.16 8.78 8.18
C4 NAG C . 18.67 8.94 7.93
C5 NAG C . 18.45 9.04 6.43
C6 NAG C . 16.96 9.11 6.10
C7 NAG C . 22.87 8.77 8.20
C8 NAG C . 24.36 8.78 8.32
N2 NAG C . 22.29 9.87 7.73
O3 NAG C . 20.41 8.74 9.57
O4 NAG C . 17.98 7.83 8.45
O5 NAG C . 19.10 10.19 5.96
O6 NAG C . 16.40 10.24 6.73
O7 NAG C . 22.22 7.77 8.53
C1 NAG C . 17.33 8.21 9.68
C2 NAG C . 16.70 6.99 10.32
C3 NAG C . 15.75 7.47 11.41
C4 NAG C . 16.45 8.56 12.20
C5 NAG C . 17.96 8.48 11.95
C6 NAG C . 18.49 7.09 12.26
C7 NAG C . 16.35 4.97 9.03
C8 NAG C . 15.53 4.26 7.99
N2 NAG C . 15.99 6.21 9.34
O3 NAG C . 15.41 6.39 12.25
O4 NAG C . 15.97 9.82 11.82
O5 NAG C . 18.24 8.80 10.60
O6 NAG C . 18.27 6.80 13.62
O7 NAG C . 17.31 4.41 9.56
C1 BMA C . 14.61 6.58 13.29
C2 BMA C . 14.04 5.26 13.80
C3 BMA C . 13.65 5.39 15.27
C4 BMA C . 12.95 6.72 15.54
C5 BMA C . 13.78 7.89 15.03
C6 BMA C . 14.18 8.80 16.18
O2 BMA C . 15.00 4.24 13.66
O3 BMA C . 14.80 5.29 16.08
O4 BMA C . 11.69 6.72 14.90
O5 BMA C . 14.94 7.41 14.39
O6 BMA C . 14.18 8.07 17.39
C1 NAG D . -14.24 11.71 -18.12
C2 NAG D . -15.14 11.41 -19.31
C3 NAG D . -14.42 11.75 -20.62
C4 NAG D . -13.79 13.13 -20.57
C5 NAG D . -12.99 13.30 -19.28
C6 NAG D . -12.42 14.72 -19.18
C7 NAG D . -16.67 9.62 -19.86
C8 NAG D . -16.97 8.14 -19.78
N2 NAG D . -15.53 10.02 -19.30
O3 NAG D . -15.36 11.70 -21.68
O4 NAG D . -12.95 13.30 -21.68
O5 NAG D . -13.82 13.06 -18.17
O6 NAG D . -13.15 15.46 -18.22
O7 NAG D . -17.46 10.38 -20.41
#